data_2LSZ
#
_entry.id   2LSZ
#
loop_
_entity.id
_entity.type
_entity.pdbx_description
1 polymer "DNA (5'-D(*CP*GP*TP*AP*CP*(63H)P*CP*AP*TP*GP*C)-3')"
2 polymer "DNA (5'-D(*GP*CP*AP*TP*GP*AP*GP*TP*AP*CP*G)-3')"
#
loop_
_entity_poly.entity_id
_entity_poly.type
_entity_poly.pdbx_seq_one_letter_code
_entity_poly.pdbx_strand_id
1 'polydeoxyribonucleotide' (DC)(DG)(DT)(DA)(DC)(63H)(DC)(DA)(DT)(DG)(DC) B
2 'polydeoxyribonucleotide' (DG)(DC)(DA)(DT)(DG)(DA)(DG)(DT)(DA)(DC)(DG) D
#